data_1NSY
#
_entry.id   1NSY
#
_cell.length_a   53.300
_cell.length_b   87.800
_cell.length_c   61.400
_cell.angle_alpha   90.00
_cell.angle_beta   110.60
_cell.angle_gamma   90.00
#
_symmetry.space_group_name_H-M   'P 1 21 1'
#
loop_
_entity.id
_entity.type
_entity.pdbx_description
1 polymer 'NAD SYNTHETASE'
2 non-polymer 'MAGNESIUM ION'
3 non-polymer "ADENOSINE-5'-TRIPHOSPHATE"
4 non-polymer 'ADENOSINE MONOPHOSPHATE'
5 non-polymer 'PYROPHOSPHATE 2-'
6 water water
#
_entity_poly.entity_id   1
_entity_poly.type   'polypeptide(L)'
_entity_poly.pdbx_seq_one_letter_code
;SMQEKIMRELHVKPSIDPKQEIEDRVNFLKQYVKKTGAKGFVLGISGGQDSTLAGRLAQLAVESIREEGGDAQFIAVRLP
HGTQQDEDDAQLALKFIKPDKSWKFDIKSTVSAFSDQYQQETGDQLTDFNKGNVKARTRMIAQYAIGGQEGLLVLGTDHA
AEAVTGFFTKYGDGGADLLPLTGLTKRQGRTLLKELGAPERLYLKEPTADLLDEKPQQSDETELGISYDEIDDYLEGKEV
SAKVSEALEKRYSMTEHKRQVPASMFDDWWK
;
_entity_poly.pdbx_strand_id   A,B
#
loop_
_chem_comp.id
_chem_comp.type
_chem_comp.name
_chem_comp.formula
AMP non-polymer 'ADENOSINE MONOPHOSPHATE' 'C10 H14 N5 O7 P'
ATP non-polymer ADENOSINE-5'-TRIPHOSPHATE 'C10 H16 N5 O13 P3'
MG non-polymer 'MAGNESIUM ION' 'Mg 2'
POP non-polymer 'PYROPHOSPHATE 2-' 'H2 O7 P2 -2'
#
# COMPACT_ATOMS: atom_id res chain seq x y z
N SER A 1 23.73 19.04 5.26
CA SER A 1 24.17 18.54 3.95
C SER A 1 23.13 17.57 3.38
N MET A 2 22.79 17.70 2.10
CA MET A 2 21.77 16.83 1.52
C MET A 2 22.08 15.34 1.66
N GLN A 3 23.34 15.00 1.42
CA GLN A 3 23.80 13.61 1.49
C GLN A 3 23.68 13.12 2.89
N GLU A 4 24.02 14.00 3.80
CA GLU A 4 24.06 13.71 5.25
C GLU A 4 22.64 13.56 5.76
N LYS A 5 21.68 14.36 5.33
CA LYS A 5 20.25 14.27 5.74
C LYS A 5 19.64 12.96 5.18
N ILE A 6 19.95 12.60 3.93
CA ILE A 6 19.43 11.35 3.36
C ILE A 6 19.96 10.12 4.11
N MET A 7 21.24 10.16 4.40
CA MET A 7 21.86 9.08 5.13
C MET A 7 21.09 8.85 6.44
N ARG A 8 20.79 9.92 7.17
CA ARG A 8 20.06 9.82 8.44
C ARG A 8 18.60 9.45 8.27
N GLU A 9 17.92 10.00 7.28
CA GLU A 9 16.51 9.60 7.10
C GLU A 9 16.36 8.13 6.76
N LEU A 10 17.34 7.64 6.01
CA LEU A 10 17.38 6.26 5.54
C LEU A 10 18.03 5.30 6.54
N HIS A 11 18.67 5.83 7.60
CA HIS A 11 19.19 4.94 8.66
C HIS A 11 20.45 4.12 8.33
N VAL A 12 21.28 4.70 7.48
CA VAL A 12 22.49 4.08 7.00
C VAL A 12 23.69 4.37 7.88
N LYS A 13 24.45 3.32 8.16
CA LYS A 13 25.67 3.40 8.96
C LYS A 13 26.87 3.44 8.02
N PRO A 14 27.74 4.43 8.16
CA PRO A 14 28.89 4.52 7.26
C PRO A 14 29.70 3.26 7.48
N SER A 15 29.66 2.70 8.69
CA SER A 15 30.40 1.46 8.93
C SER A 15 29.68 0.45 9.82
N ILE A 16 29.67 -0.81 9.39
CA ILE A 16 28.95 -1.83 10.14
C ILE A 16 29.83 -2.97 10.61
N ASP A 17 29.31 -3.70 11.58
CA ASP A 17 29.88 -4.94 12.04
C ASP A 17 28.85 -6.04 11.63
N PRO A 18 29.13 -6.76 10.55
CA PRO A 18 28.23 -7.77 9.98
C PRO A 18 27.62 -8.77 10.92
N LYS A 19 28.38 -9.28 11.87
CA LYS A 19 27.82 -10.24 12.81
C LYS A 19 26.83 -9.58 13.78
N GLN A 20 27.10 -8.33 14.15
CA GLN A 20 26.21 -7.54 14.99
C GLN A 20 24.92 -7.19 14.19
N GLU A 21 25.07 -6.81 12.93
CA GLU A 21 23.90 -6.50 12.08
C GLU A 21 22.99 -7.72 11.98
N ILE A 22 23.55 -8.89 11.74
CA ILE A 22 22.75 -10.10 11.69
C ILE A 22 21.95 -10.32 12.98
N GLU A 23 22.62 -10.18 14.12
CA GLU A 23 21.97 -10.39 15.38
C GLU A 23 20.82 -9.39 15.60
N ASP A 24 21.07 -8.11 15.32
CA ASP A 24 20.08 -7.05 15.52
C ASP A 24 18.81 -7.28 14.69
N ARG A 25 19.01 -7.67 13.46
CA ARG A 25 17.89 -7.83 12.55
C ARG A 25 17.08 -9.09 12.81
N VAL A 26 17.74 -10.16 13.24
CA VAL A 26 17.04 -11.37 13.62
C VAL A 26 16.29 -11.09 14.95
N ASN A 27 16.84 -10.26 15.82
CA ASN A 27 16.15 -9.91 17.07
C ASN A 27 14.94 -9.01 16.87
N PHE A 28 15.03 -8.07 15.94
CA PHE A 28 13.89 -7.20 15.62
C PHE A 28 12.74 -8.08 15.17
N LEU A 29 13.06 -9.06 14.32
CA LEU A 29 12.02 -9.94 13.79
C LEU A 29 11.35 -10.71 14.91
N LYS A 30 12.13 -11.19 15.87
CA LYS A 30 11.62 -11.89 17.05
C LYS A 30 10.85 -10.96 18.00
N GLN A 31 11.37 -9.76 18.21
CA GLN A 31 10.68 -8.78 19.06
C GLN A 31 9.26 -8.46 18.45
N TYR A 32 9.18 -8.17 17.16
CA TYR A 32 7.88 -7.76 16.55
C TYR A 32 6.81 -8.80 16.63
N VAL A 33 7.23 -10.01 16.31
CA VAL A 33 6.35 -11.13 16.27
C VAL A 33 5.80 -11.43 17.65
N LYS A 34 6.62 -11.25 18.66
CA LYS A 34 6.11 -11.46 20.02
C LYS A 34 5.10 -10.37 20.39
N LYS A 35 5.41 -9.11 20.13
CA LYS A 35 4.49 -8.03 20.47
C LYS A 35 3.12 -8.20 19.85
N THR A 36 3.08 -8.55 18.57
CA THR A 36 1.83 -8.65 17.84
C THR A 36 1.13 -10.01 18.00
N GLY A 37 1.85 -10.99 18.52
CA GLY A 37 1.31 -12.33 18.64
C GLY A 37 1.07 -13.10 17.32
N ALA A 38 1.67 -12.61 16.22
CA ALA A 38 1.55 -13.27 14.91
C ALA A 38 2.18 -14.67 14.90
N LYS A 39 1.81 -15.49 13.97
CA LYS A 39 2.43 -16.81 13.95
C LYS A 39 3.68 -17.04 13.08
N GLY A 40 4.17 -16.03 12.38
CA GLY A 40 5.30 -16.25 11.53
C GLY A 40 5.32 -15.27 10.38
N PHE A 41 5.97 -15.65 9.30
CA PHE A 41 6.13 -14.71 8.23
C PHE A 41 5.97 -15.38 6.91
N VAL A 42 5.71 -14.57 5.91
CA VAL A 42 5.64 -15.06 4.57
C VAL A 42 6.44 -14.06 3.74
N LEU A 43 7.15 -14.54 2.73
CA LEU A 43 7.94 -13.69 1.84
C LEU A 43 8.13 -14.31 0.46
N GLY A 44 8.07 -13.49 -0.58
CA GLY A 44 8.33 -13.92 -1.98
C GLY A 44 9.84 -14.10 -2.23
N ILE A 45 10.23 -15.29 -2.72
CA ILE A 45 11.65 -15.58 -2.91
C ILE A 45 11.91 -15.51 -4.39
N SER A 46 12.61 -14.46 -4.82
CA SER A 46 12.87 -14.25 -6.25
C SER A 46 14.09 -14.92 -6.85
N GLY A 47 15.06 -15.27 -6.02
CA GLY A 47 16.30 -15.77 -6.60
C GLY A 47 17.32 -14.62 -6.72
N GLY A 48 16.94 -13.41 -6.29
CA GLY A 48 17.87 -12.29 -6.29
C GLY A 48 18.46 -12.16 -4.88
N GLN A 49 19.41 -11.27 -4.73
CA GLN A 49 20.06 -11.07 -3.47
C GLN A 49 19.24 -10.68 -2.25
N ASP A 50 18.37 -9.68 -2.41
CA ASP A 50 17.66 -9.14 -1.27
C ASP A 50 16.76 -10.18 -0.61
N SER A 51 15.94 -10.85 -1.41
CA SER A 51 15.01 -11.83 -0.87
C SER A 51 15.73 -13.04 -0.30
N THR A 52 16.94 -13.27 -0.78
CA THR A 52 17.70 -14.39 -0.26
C THR A 52 18.17 -14.05 1.14
N LEU A 53 18.64 -12.82 1.31
CA LEU A 53 19.09 -12.36 2.62
C LEU A 53 17.93 -12.31 3.63
N ALA A 54 16.85 -11.63 3.25
CA ALA A 54 15.73 -11.50 4.16
C ALA A 54 15.15 -12.87 4.52
N GLY A 55 15.08 -13.75 3.53
CA GLY A 55 14.51 -15.07 3.74
C GLY A 55 15.39 -15.80 4.75
N ARG A 56 16.69 -15.63 4.66
CA ARG A 56 17.52 -16.37 5.57
C ARG A 56 17.37 -15.84 7.01
N LEU A 57 17.23 -14.52 7.13
CA LEU A 57 17.05 -13.90 8.45
C LEU A 57 15.78 -14.41 9.08
N ALA A 58 14.75 -14.51 8.26
CA ALA A 58 13.45 -14.93 8.73
C ALA A 58 13.51 -16.31 9.25
N GLN A 59 14.09 -17.20 8.46
CA GLN A 59 14.23 -18.59 8.86
C GLN A 59 15.00 -18.69 10.15
N LEU A 60 16.05 -17.89 10.30
CA LEU A 60 16.80 -17.90 11.55
C LEU A 60 15.93 -17.41 12.73
N ALA A 61 15.12 -16.39 12.51
CA ALA A 61 14.34 -15.88 13.63
C ALA A 61 13.32 -16.91 14.13
N VAL A 62 12.67 -17.64 13.23
CA VAL A 62 11.66 -18.59 13.68
C VAL A 62 12.28 -19.78 14.31
N GLU A 63 13.48 -20.15 13.89
CA GLU A 63 14.11 -21.31 14.53
C GLU A 63 14.49 -20.92 15.94
N SER A 64 14.88 -19.66 16.12
CA SER A 64 15.25 -19.18 17.42
C SER A 64 14.02 -19.02 18.33
N ILE A 65 12.93 -18.57 17.73
CA ILE A 65 11.70 -18.47 18.46
C ILE A 65 11.31 -19.86 19.00
N ARG A 66 11.24 -20.86 18.14
CA ARG A 66 10.89 -22.21 18.52
C ARG A 66 11.83 -22.84 19.53
N GLU A 67 13.06 -22.37 19.57
CA GLU A 67 14.02 -22.87 20.55
C GLU A 67 13.64 -22.43 21.94
N GLU A 68 13.21 -21.18 22.09
CA GLU A 68 12.88 -20.66 23.39
C GLU A 68 11.52 -21.20 23.84
N GLY A 69 10.97 -22.10 23.01
CA GLY A 69 9.68 -22.72 23.31
C GLY A 69 8.46 -22.05 22.66
N GLY A 70 8.69 -21.06 21.80
CA GLY A 70 7.59 -20.36 21.12
C GLY A 70 7.10 -21.14 19.89
N ASP A 71 6.17 -20.56 19.17
CA ASP A 71 5.68 -21.21 17.99
C ASP A 71 5.69 -20.12 16.91
N ALA A 72 6.35 -20.42 15.79
CA ALA A 72 6.40 -19.47 14.71
C ALA A 72 6.82 -20.30 13.52
N GLN A 73 6.48 -19.84 12.33
CA GLN A 73 6.83 -20.58 11.14
C GLN A 73 7.08 -19.62 10.00
N PHE A 74 7.77 -20.12 8.96
CA PHE A 74 8.17 -19.35 7.77
C PHE A 74 7.80 -20.01 6.46
N ILE A 75 6.99 -19.31 5.68
CA ILE A 75 6.63 -19.80 4.35
C ILE A 75 7.32 -18.93 3.32
N ALA A 76 8.13 -19.60 2.51
CA ALA A 76 8.89 -19.03 1.41
C ALA A 76 8.03 -19.36 0.21
N VAL A 77 7.78 -18.34 -0.62
CA VAL A 77 6.94 -18.55 -1.80
C VAL A 77 7.55 -18.07 -3.17
N ARG A 78 7.47 -18.93 -4.19
CA ARG A 78 7.91 -18.56 -5.56
C ARG A 78 6.71 -17.92 -6.26
N LEU A 79 6.92 -16.79 -6.92
CA LEU A 79 5.84 -16.01 -7.63
C LEU A 79 6.15 -15.68 -9.08
N PRO A 80 6.37 -16.75 -9.83
CA PRO A 80 6.71 -16.64 -11.24
C PRO A 80 5.54 -16.11 -12.04
N HIS A 81 5.84 -15.38 -13.11
CA HIS A 81 4.81 -14.95 -14.03
C HIS A 81 5.02 -15.95 -15.19
N GLY A 82 4.44 -17.12 -15.04
CA GLY A 82 4.62 -18.19 -16.03
C GLY A 82 5.96 -18.90 -15.79
N THR A 83 6.82 -18.92 -16.80
CA THR A 83 8.13 -19.55 -16.62
C THR A 83 9.13 -18.46 -16.26
N GLN A 84 9.77 -18.56 -15.09
CA GLN A 84 10.71 -17.50 -14.71
C GLN A 84 12.04 -17.88 -15.31
N GLN A 85 12.67 -16.95 -15.99
CA GLN A 85 13.90 -17.25 -16.67
C GLN A 85 15.06 -17.72 -15.81
N ASP A 86 15.17 -17.21 -14.60
CA ASP A 86 16.24 -17.66 -13.74
C ASP A 86 15.73 -18.51 -12.60
N GLU A 87 14.74 -19.34 -12.88
CA GLU A 87 14.14 -20.23 -11.86
C GLU A 87 15.26 -20.98 -11.14
N ASP A 88 16.33 -21.29 -11.83
CA ASP A 88 17.42 -22.10 -11.27
C ASP A 88 18.06 -21.36 -10.09
N ASP A 89 18.19 -20.04 -10.16
CA ASP A 89 18.75 -19.29 -9.03
C ASP A 89 17.80 -19.29 -7.80
N ALA A 90 16.52 -19.28 -8.11
CA ALA A 90 15.48 -19.26 -7.09
C ALA A 90 15.48 -20.59 -6.38
N GLN A 91 15.75 -21.65 -7.11
CA GLN A 91 15.82 -22.96 -6.46
C GLN A 91 17.06 -23.07 -5.60
N LEU A 92 18.14 -22.46 -6.05
CA LEU A 92 19.36 -22.40 -5.29
C LEU A 92 19.16 -21.57 -4.00
N ALA A 93 18.47 -20.44 -4.14
CA ALA A 93 18.14 -19.68 -2.94
C ALA A 93 17.34 -20.49 -1.89
N LEU A 94 16.34 -21.25 -2.34
CA LEU A 94 15.54 -22.03 -1.39
C LEU A 94 16.40 -23.03 -0.67
N LYS A 95 17.32 -23.61 -1.43
CA LYS A 95 18.24 -24.59 -0.88
C LYS A 95 19.15 -23.98 0.15
N PHE A 96 19.54 -22.71 -0.02
CA PHE A 96 20.37 -22.03 0.99
C PHE A 96 19.51 -21.58 2.20
N ILE A 97 18.33 -21.02 1.93
CA ILE A 97 17.48 -20.49 2.99
C ILE A 97 16.95 -21.57 3.92
N LYS A 98 16.55 -22.68 3.31
CA LYS A 98 15.99 -23.81 4.04
C LYS A 98 14.74 -23.45 4.86
N PRO A 99 13.68 -22.96 4.20
CA PRO A 99 12.47 -22.52 4.90
C PRO A 99 11.64 -23.64 5.44
N ASP A 100 10.82 -23.33 6.43
CA ASP A 100 9.95 -24.37 6.95
C ASP A 100 9.02 -24.92 5.85
N LYS A 101 8.47 -24.04 5.01
CA LYS A 101 7.56 -24.44 3.94
C LYS A 101 7.91 -23.69 2.67
N SER A 102 7.78 -24.32 1.53
CA SER A 102 8.08 -23.56 0.33
C SER A 102 6.89 -23.78 -0.52
N TRP A 103 6.23 -22.70 -0.91
CA TRP A 103 5.04 -22.84 -1.72
C TRP A 103 5.32 -22.14 -3.04
N LYS A 104 4.35 -22.26 -3.93
CA LYS A 104 4.38 -21.65 -5.24
C LYS A 104 2.97 -21.11 -5.67
N PHE A 105 2.95 -19.93 -6.31
CA PHE A 105 1.71 -19.34 -6.80
C PHE A 105 2.11 -18.64 -8.09
N ASP A 106 1.56 -19.10 -9.20
CA ASP A 106 1.86 -18.50 -10.50
C ASP A 106 0.86 -17.40 -10.73
N ILE A 107 1.31 -16.16 -10.86
CA ILE A 107 0.41 -15.00 -11.03
C ILE A 107 -0.07 -14.72 -12.46
N LYS A 108 0.35 -15.54 -13.42
CA LYS A 108 0.00 -15.24 -14.82
C LYS A 108 -1.49 -15.19 -15.23
N SER A 109 -2.29 -16.13 -14.73
CA SER A 109 -3.68 -16.15 -15.08
C SER A 109 -4.42 -14.96 -14.49
N THR A 110 -4.00 -14.47 -13.32
CA THR A 110 -4.62 -13.29 -12.69
C THR A 110 -4.26 -12.06 -13.50
N VAL A 111 -3.00 -11.98 -13.92
CA VAL A 111 -2.56 -10.83 -14.67
C VAL A 111 -3.18 -10.82 -16.06
N SER A 112 -3.38 -11.98 -16.63
CA SER A 112 -3.97 -12.00 -17.95
C SER A 112 -5.42 -11.68 -17.87
N ALA A 113 -6.08 -12.18 -16.84
CA ALA A 113 -7.49 -11.92 -16.69
C ALA A 113 -7.70 -10.41 -16.52
N PHE A 114 -6.80 -9.77 -15.79
CA PHE A 114 -6.88 -8.35 -15.58
C PHE A 114 -6.66 -7.54 -16.85
N SER A 115 -5.63 -7.93 -17.57
CA SER A 115 -5.29 -7.19 -18.77
C SER A 115 -6.36 -7.34 -19.76
N ASP A 116 -7.01 -8.47 -19.77
CA ASP A 116 -8.05 -8.65 -20.74
C ASP A 116 -9.30 -7.85 -20.55
N GLN A 117 -9.66 -7.68 -19.28
CA GLN A 117 -10.80 -6.90 -18.86
C GLN A 117 -10.47 -5.43 -19.13
N TYR A 118 -9.23 -5.03 -18.88
CA TYR A 118 -8.85 -3.65 -19.09
C TYR A 118 -9.17 -3.26 -20.53
N GLN A 119 -8.70 -4.10 -21.42
CA GLN A 119 -8.88 -3.82 -22.82
C GLN A 119 -10.33 -3.93 -23.23
N GLN A 120 -11.07 -4.88 -22.64
CA GLN A 120 -12.49 -4.99 -22.94
C GLN A 120 -13.24 -3.73 -22.43
N GLU A 121 -12.86 -3.22 -21.28
CA GLU A 121 -13.54 -2.05 -20.72
C GLU A 121 -13.14 -0.75 -21.37
N THR A 122 -11.84 -0.53 -21.51
CA THR A 122 -11.38 0.75 -22.04
C THR A 122 -11.08 0.77 -23.53
N GLY A 123 -10.95 -0.38 -24.16
CA GLY A 123 -10.59 -0.36 -25.57
C GLY A 123 -9.07 -0.09 -25.73
N ASP A 124 -8.39 0.18 -24.61
CA ASP A 124 -6.92 0.36 -24.63
C ASP A 124 -6.23 -0.94 -24.15
N GLN A 125 -4.96 -1.07 -24.50
CA GLN A 125 -4.17 -2.20 -24.05
C GLN A 125 -3.19 -1.62 -23.05
N LEU A 126 -2.88 -2.36 -22.01
CA LEU A 126 -1.98 -1.88 -20.97
C LEU A 126 -0.60 -1.73 -21.56
N THR A 127 0.13 -0.68 -21.18
CA THR A 127 1.50 -0.56 -21.65
C THR A 127 2.30 -1.67 -20.99
N ASP A 128 3.48 -1.98 -21.53
CA ASP A 128 4.29 -3.06 -20.96
C ASP A 128 4.71 -2.63 -19.56
N PHE A 129 4.98 -1.33 -19.43
CA PHE A 129 5.37 -0.72 -18.17
C PHE A 129 4.26 -0.81 -17.13
N ASN A 130 3.04 -0.50 -17.54
CA ASN A 130 1.93 -0.53 -16.56
C ASN A 130 1.55 -1.95 -16.20
N LYS A 131 1.71 -2.85 -17.17
CA LYS A 131 1.40 -4.23 -16.89
C LYS A 131 2.42 -4.83 -15.92
N GLY A 132 3.65 -4.34 -15.96
CA GLY A 132 4.71 -4.81 -15.09
C GLY A 132 4.34 -4.44 -13.69
N ASN A 133 3.77 -3.25 -13.49
CA ASN A 133 3.29 -2.82 -12.16
C ASN A 133 2.11 -3.64 -11.63
N VAL A 134 1.30 -4.18 -12.53
CA VAL A 134 0.17 -5.04 -12.12
C VAL A 134 0.76 -6.38 -11.62
N LYS A 135 1.88 -6.81 -12.21
CA LYS A 135 2.48 -8.07 -11.77
C LYS A 135 2.93 -7.86 -10.32
N ALA A 136 3.61 -6.75 -10.08
CA ALA A 136 4.14 -6.47 -8.75
C ALA A 136 3.03 -6.36 -7.67
N ARG A 137 1.91 -5.73 -8.00
CA ARG A 137 0.85 -5.59 -7.05
C ARG A 137 0.12 -6.90 -6.85
N THR A 138 0.08 -7.74 -7.89
CA THR A 138 -0.53 -9.05 -7.79
C THR A 138 0.28 -9.96 -6.86
N ARG A 139 1.59 -9.77 -6.86
CA ARG A 139 2.42 -10.57 -5.97
C ARG A 139 2.14 -10.16 -4.53
N MET A 140 1.83 -8.88 -4.33
CA MET A 140 1.50 -8.37 -2.99
C MET A 140 0.20 -9.06 -2.51
N ILE A 141 -0.78 -9.13 -3.41
CA ILE A 141 -2.07 -9.75 -3.09
C ILE A 141 -1.84 -11.19 -2.77
N ALA A 142 -0.96 -11.86 -3.50
CA ALA A 142 -0.74 -13.28 -3.22
C ALA A 142 -0.17 -13.51 -1.85
N GLN A 143 0.77 -12.67 -1.47
CA GLN A 143 1.39 -12.82 -0.15
C GLN A 143 0.44 -12.48 1.00
N TYR A 144 -0.33 -11.42 0.82
CA TYR A 144 -1.30 -11.03 1.84
C TYR A 144 -2.41 -12.08 1.96
N ALA A 145 -2.64 -12.87 0.90
CA ALA A 145 -3.68 -13.90 0.95
C ALA A 145 -3.18 -15.09 1.73
N ILE A 146 -1.90 -15.38 1.57
CA ILE A 146 -1.34 -16.53 2.28
C ILE A 146 -1.21 -16.11 3.72
N GLY A 147 -0.79 -14.87 3.93
CA GLY A 147 -0.64 -14.41 5.30
C GLY A 147 -2.01 -14.40 6.03
N GLY A 148 -3.07 -14.02 5.30
CA GLY A 148 -4.42 -13.94 5.84
C GLY A 148 -4.98 -15.30 6.18
N GLN A 149 -4.68 -16.27 5.33
CA GLN A 149 -5.16 -17.63 5.52
C GLN A 149 -4.47 -18.30 6.63
N GLU A 150 -3.19 -18.03 6.79
CA GLU A 150 -2.36 -18.70 7.81
C GLU A 150 -2.02 -17.94 9.06
N GLY A 151 -2.35 -16.66 9.13
CA GLY A 151 -2.01 -15.88 10.31
C GLY A 151 -0.54 -15.42 10.37
N LEU A 152 0.04 -15.00 9.24
CA LEU A 152 1.44 -14.59 9.22
C LEU A 152 1.62 -13.13 8.81
N LEU A 153 2.81 -12.56 9.05
CA LEU A 153 3.08 -11.18 8.63
C LEU A 153 3.90 -11.23 7.35
N VAL A 154 3.68 -10.26 6.49
CA VAL A 154 4.38 -10.13 5.22
C VAL A 154 5.68 -9.33 5.39
N LEU A 155 6.81 -9.98 5.09
CA LEU A 155 8.11 -9.29 5.13
C LEU A 155 8.28 -8.55 3.81
N GLY A 156 9.00 -7.45 3.87
CA GLY A 156 9.31 -6.69 2.67
C GLY A 156 10.83 -6.61 2.60
N THR A 157 11.35 -6.42 1.41
CA THR A 157 12.79 -6.44 1.22
C THR A 157 13.46 -5.11 0.96
N ASP A 158 12.75 -4.03 1.13
CA ASP A 158 13.30 -2.72 0.90
C ASP A 158 14.52 -2.48 1.80
N HIS A 159 15.48 -1.79 1.21
CA HIS A 159 16.74 -1.49 1.86
C HIS A 159 17.06 -0.11 1.27
N ALA A 160 18.09 0.56 1.82
CA ALA A 160 18.51 1.93 1.45
C ALA A 160 18.84 2.23 0.01
N ALA A 161 19.46 1.25 -0.67
CA ALA A 161 19.84 1.37 -2.07
C ALA A 161 18.59 1.31 -2.97
N GLU A 162 17.46 0.79 -2.47
CA GLU A 162 16.19 0.83 -3.24
C GLU A 162 15.34 2.05 -2.82
N ALA A 163 15.43 2.38 -1.52
CA ALA A 163 14.70 3.48 -0.95
C ALA A 163 15.19 4.77 -1.55
N VAL A 164 16.50 5.03 -1.51
CA VAL A 164 16.98 6.29 -2.08
C VAL A 164 16.52 6.64 -3.49
N THR A 165 16.30 5.64 -4.32
CA THR A 165 15.86 5.92 -5.71
C THR A 165 14.34 5.67 -5.96
N GLY A 166 13.61 5.27 -4.92
CA GLY A 166 12.19 4.98 -5.03
C GLY A 166 11.98 3.90 -6.04
N PHE A 167 12.93 2.97 -6.08
CA PHE A 167 12.88 1.89 -7.04
C PHE A 167 12.13 0.72 -6.41
N PHE A 168 10.81 0.79 -6.43
CA PHE A 168 9.92 -0.23 -5.94
C PHE A 168 8.58 0.30 -6.38
N THR A 169 7.64 -0.62 -6.54
CA THR A 169 6.27 -0.30 -6.95
C THR A 169 5.45 0.03 -5.70
N LYS A 170 4.83 1.22 -5.73
CA LYS A 170 3.95 1.71 -4.66
C LYS A 170 2.78 0.70 -4.50
N TYR A 171 2.61 0.19 -3.27
CA TYR A 171 1.58 -0.79 -2.94
C TYR A 171 1.77 -2.13 -3.69
N GLY A 172 2.97 -2.30 -4.28
CA GLY A 172 3.34 -3.56 -4.99
C GLY A 172 4.34 -4.21 -4.06
N ASP A 173 5.63 -4.21 -4.40
CA ASP A 173 6.61 -4.75 -3.47
C ASP A 173 6.84 -3.79 -2.31
N GLY A 174 6.46 -2.52 -2.45
CA GLY A 174 6.54 -1.56 -1.34
C GLY A 174 5.49 -1.88 -0.24
N GLY A 175 4.52 -2.73 -0.56
CA GLY A 175 3.48 -3.10 0.38
C GLY A 175 3.83 -4.30 1.24
N ALA A 176 4.20 -4.04 2.47
CA ALA A 176 4.56 -5.11 3.37
C ALA A 176 4.27 -4.68 4.80
N ASP A 177 4.47 -5.62 5.73
CA ASP A 177 4.25 -5.35 7.15
C ASP A 177 5.46 -4.88 7.91
N LEU A 178 6.62 -5.45 7.60
CA LEU A 178 7.82 -5.07 8.32
C LEU A 178 9.07 -5.29 7.44
N LEU A 179 10.09 -4.47 7.71
CA LEU A 179 11.33 -4.37 6.91
C LEU A 179 12.64 -4.69 7.65
N PRO A 180 13.09 -5.95 7.56
CA PRO A 180 14.33 -6.33 8.22
C PRO A 180 15.64 -5.77 7.64
N LEU A 181 15.64 -5.34 6.37
CA LEU A 181 16.82 -4.84 5.69
C LEU A 181 16.97 -3.32 5.65
N THR A 182 16.14 -2.59 6.37
CA THR A 182 16.21 -1.10 6.37
C THR A 182 17.58 -0.57 6.79
N GLY A 183 18.14 0.38 6.05
CA GLY A 183 19.44 1.00 6.39
C GLY A 183 20.68 0.39 5.71
N LEU A 184 20.55 -0.83 5.19
CA LEU A 184 21.66 -1.53 4.53
C LEU A 184 21.85 -1.06 3.11
N THR A 185 23.10 -0.83 2.70
CA THR A 185 23.39 -0.53 1.29
C THR A 185 23.47 -1.84 0.49
N LYS A 186 23.54 -1.77 -0.83
CA LYS A 186 23.65 -3.03 -1.62
C LYS A 186 24.92 -3.87 -1.25
N ARG A 187 26.08 -3.21 -1.19
CA ARG A 187 27.29 -3.88 -0.77
C ARG A 187 27.24 -4.40 0.70
N GLN A 188 26.66 -3.65 1.63
CA GLN A 188 26.57 -4.16 2.99
C GLN A 188 25.72 -5.41 3.04
N GLY A 189 24.77 -5.48 2.11
CA GLY A 189 23.91 -6.62 2.06
C GLY A 189 24.67 -7.82 1.59
N ARG A 190 25.53 -7.60 0.61
CA ARG A 190 26.36 -8.66 0.06
C ARG A 190 27.29 -9.14 1.20
N THR A 191 27.76 -8.21 1.99
CA THR A 191 28.61 -8.59 3.11
C THR A 191 27.88 -9.52 4.10
N LEU A 192 26.60 -9.28 4.31
CA LEU A 192 25.86 -10.13 5.25
C LEU A 192 25.67 -11.53 4.67
N LEU A 193 25.39 -11.57 3.38
CA LEU A 193 25.23 -12.85 2.73
C LEU A 193 26.53 -13.66 2.75
N LYS A 194 27.64 -12.96 2.56
CA LYS A 194 28.96 -13.59 2.66
C LYS A 194 29.16 -14.09 4.10
N GLU A 195 28.79 -13.29 5.08
CA GLU A 195 28.90 -13.78 6.43
C GLU A 195 28.07 -15.03 6.70
N LEU A 196 26.89 -15.15 6.08
CA LEU A 196 25.97 -16.27 6.35
C LEU A 196 26.32 -17.49 5.54
N GLY A 197 27.28 -17.32 4.63
CA GLY A 197 27.75 -18.39 3.76
C GLY A 197 26.91 -18.68 2.53
N ALA A 198 26.33 -17.65 1.92
CA ALA A 198 25.49 -17.88 0.76
C ALA A 198 26.35 -18.24 -0.45
N PRO A 199 25.75 -18.88 -1.44
CA PRO A 199 26.40 -19.19 -2.72
C PRO A 199 26.70 -17.91 -3.51
N GLU A 200 27.93 -17.72 -4.03
CA GLU A 200 28.26 -16.47 -4.75
C GLU A 200 27.39 -16.08 -5.92
N ARG A 201 26.77 -17.07 -6.55
CA ARG A 201 25.89 -16.78 -7.70
C ARG A 201 24.76 -15.79 -7.32
N LEU A 202 24.30 -15.89 -6.06
CA LEU A 202 23.21 -15.09 -5.55
C LEU A 202 23.58 -13.64 -5.29
N TYR A 203 24.85 -13.35 -5.11
CA TYR A 203 25.12 -11.94 -5.01
C TYR A 203 26.03 -11.46 -6.11
N LEU A 204 26.36 -12.34 -7.03
CA LEU A 204 27.16 -11.90 -8.14
C LEU A 204 26.29 -11.50 -9.35
N LYS A 205 25.09 -12.08 -9.47
CA LYS A 205 24.21 -11.79 -10.61
C LYS A 205 23.84 -10.32 -10.63
N GLU A 206 23.25 -9.86 -11.73
CA GLU A 206 22.85 -8.45 -11.80
C GLU A 206 21.48 -8.29 -11.17
N PRO A 207 21.26 -7.25 -10.33
CA PRO A 207 19.93 -7.02 -9.73
C PRO A 207 18.96 -6.72 -10.88
N THR A 208 17.76 -7.25 -10.77
CA THR A 208 16.73 -6.98 -11.79
C THR A 208 15.36 -7.18 -11.14
N ALA A 209 14.40 -6.30 -11.48
CA ALA A 209 13.00 -6.40 -11.02
C ALA A 209 12.22 -7.35 -11.92
N ASP A 210 12.70 -7.49 -13.17
CA ASP A 210 12.19 -8.43 -14.17
C ASP A 210 10.68 -8.39 -14.31
N LEU A 211 10.11 -7.22 -14.57
CA LEU A 211 8.66 -7.12 -14.63
C LEU A 211 8.17 -7.05 -16.06
N LEU A 212 9.09 -6.79 -16.99
CA LEU A 212 8.69 -6.57 -18.38
C LEU A 212 8.66 -7.77 -19.29
N ASP A 213 7.69 -7.78 -20.19
CA ASP A 213 7.58 -8.88 -21.10
C ASP A 213 8.40 -8.56 -22.32
N GLU A 214 8.45 -7.29 -22.69
CA GLU A 214 9.20 -6.93 -23.87
C GLU A 214 10.69 -6.93 -23.57
N LYS A 215 11.09 -6.69 -22.33
CA LYS A 215 12.53 -6.66 -22.02
C LYS A 215 12.80 -7.37 -20.70
N PRO A 216 12.60 -8.68 -20.72
CA PRO A 216 12.76 -9.50 -19.52
C PRO A 216 14.15 -9.43 -18.93
N GLN A 217 14.20 -9.61 -17.62
CA GLN A 217 15.46 -9.52 -16.87
C GLN A 217 16.26 -8.24 -17.11
N GLN A 218 15.62 -7.11 -17.37
CA GLN A 218 16.36 -5.87 -17.52
C GLN A 218 16.95 -5.47 -16.16
N SER A 219 18.24 -5.14 -16.18
CA SER A 219 18.98 -4.78 -14.98
C SER A 219 18.61 -3.38 -14.50
N ASP A 220 18.62 -3.25 -13.20
CA ASP A 220 18.24 -2.00 -12.59
C ASP A 220 19.09 -0.89 -13.13
N GLU A 221 20.39 -1.18 -13.17
CA GLU A 221 21.36 -0.18 -13.61
C GLU A 221 21.02 0.43 -14.95
N THR A 222 20.38 -0.37 -15.80
CA THR A 222 19.94 0.12 -17.09
C THR A 222 18.81 1.12 -16.93
N GLU A 223 17.82 0.71 -16.16
CA GLU A 223 16.68 1.60 -15.91
C GLU A 223 17.18 2.86 -15.21
N LEU A 224 17.98 2.72 -14.15
CA LEU A 224 18.44 3.87 -13.39
C LEU A 224 19.45 4.85 -14.03
N GLY A 225 20.38 4.33 -14.79
CA GLY A 225 21.39 5.23 -15.33
C GLY A 225 22.58 5.46 -14.37
N ILE A 226 22.58 4.79 -13.22
CA ILE A 226 23.66 4.90 -12.20
C ILE A 226 23.92 3.49 -11.72
N SER A 227 25.13 3.22 -11.22
CA SER A 227 25.42 1.88 -10.75
C SER A 227 25.27 1.78 -9.24
N TYR A 228 25.06 0.56 -8.79
CA TYR A 228 24.90 0.32 -7.39
C TYR A 228 26.13 0.70 -6.59
N ASP A 229 27.30 0.72 -7.23
CA ASP A 229 28.47 1.19 -6.52
C ASP A 229 28.52 2.68 -6.29
N GLU A 230 27.97 3.47 -7.19
CA GLU A 230 27.93 4.94 -6.98
C GLU A 230 26.84 5.25 -5.93
N ILE A 231 25.76 4.49 -6.00
CA ILE A 231 24.66 4.61 -5.05
C ILE A 231 25.15 4.29 -3.63
N ASP A 232 25.91 3.20 -3.48
CA ASP A 232 26.43 2.86 -2.16
C ASP A 232 27.45 3.85 -1.59
N ASP A 233 28.27 4.45 -2.45
CA ASP A 233 29.27 5.42 -1.95
C ASP A 233 28.58 6.66 -1.40
N TYR A 234 27.52 7.09 -2.09
CA TYR A 234 26.70 8.27 -1.69
C TYR A 234 26.09 7.98 -0.29
N LEU A 235 25.35 6.88 -0.21
CA LEU A 235 24.72 6.43 1.03
C LEU A 235 25.74 6.25 2.14
N GLU A 236 26.86 5.63 1.83
CA GLU A 236 27.91 5.43 2.84
C GLU A 236 28.68 6.65 3.29
N GLY A 237 28.35 7.82 2.76
CA GLY A 237 29.01 9.04 3.18
C GLY A 237 30.35 9.32 2.51
N LYS A 238 30.62 8.63 1.40
CA LYS A 238 31.86 8.88 0.66
C LYS A 238 31.70 10.04 -0.32
N GLU A 239 32.81 10.77 -0.55
CA GLU A 239 32.86 11.94 -1.48
C GLU A 239 32.71 11.42 -2.91
N VAL A 240 31.60 11.68 -3.59
CA VAL A 240 31.36 11.15 -4.92
C VAL A 240 31.37 12.31 -5.85
N SER A 241 31.27 12.06 -7.15
CA SER A 241 31.32 13.17 -8.07
C SER A 241 30.00 13.97 -8.08
N ALA A 242 30.10 15.27 -8.40
CA ALA A 242 28.94 16.14 -8.51
C ALA A 242 27.84 15.48 -9.34
N LYS A 243 28.21 14.77 -10.39
CA LYS A 243 27.21 14.12 -11.21
C LYS A 243 26.39 12.99 -10.57
N VAL A 244 26.92 12.34 -9.52
CA VAL A 244 26.20 11.26 -8.83
C VAL A 244 25.23 11.92 -7.83
N SER A 245 25.76 12.85 -7.06
CA SER A 245 24.99 13.58 -6.09
C SER A 245 23.80 14.27 -6.76
N GLU A 246 24.03 15.00 -7.84
CA GLU A 246 22.91 15.62 -8.54
C GLU A 246 21.79 14.64 -8.93
N ALA A 247 22.15 13.58 -9.61
CA ALA A 247 21.16 12.63 -10.05
C ALA A 247 20.41 11.97 -8.94
N LEU A 248 21.12 11.63 -7.87
CA LEU A 248 20.52 10.93 -6.74
C LEU A 248 19.52 11.80 -6.02
N GLU A 249 19.95 13.01 -5.72
CA GLU A 249 19.15 13.94 -4.99
C GLU A 249 17.88 14.36 -5.78
N LYS A 250 18.01 14.42 -7.10
CA LYS A 250 16.87 14.79 -7.95
C LYS A 250 15.83 13.70 -7.81
N ARG A 251 16.32 12.46 -7.91
CA ARG A 251 15.48 11.29 -7.85
C ARG A 251 14.80 11.07 -6.47
N TYR A 252 15.53 11.37 -5.42
CA TYR A 252 14.99 11.20 -4.08
C TYR A 252 13.80 12.14 -3.82
N SER A 253 13.94 13.42 -4.17
CA SER A 253 12.85 14.36 -3.93
C SER A 253 11.61 14.02 -4.75
N MET A 254 11.81 13.47 -5.94
CA MET A 254 10.67 13.13 -6.75
C MET A 254 9.87 11.90 -6.31
N THR A 255 10.47 11.09 -5.45
CA THR A 255 9.86 9.84 -4.97
C THR A 255 9.47 9.90 -3.48
N GLU A 256 9.52 11.08 -2.89
CA GLU A 256 9.23 11.21 -1.47
C GLU A 256 7.87 10.60 -1.18
N HIS A 257 6.98 10.72 -2.16
CA HIS A 257 5.65 10.22 -1.98
C HIS A 257 5.59 8.74 -1.73
N LYS A 258 6.59 8.02 -2.21
CA LYS A 258 6.60 6.56 -2.03
C LYS A 258 7.01 6.22 -0.64
N ARG A 259 7.59 7.19 0.04
CA ARG A 259 8.11 7.00 1.37
C ARG A 259 7.30 7.60 2.54
N GLN A 260 6.13 8.12 2.27
CA GLN A 260 5.26 8.70 3.29
C GLN A 260 3.89 8.01 3.13
N VAL A 261 3.01 8.15 4.12
CA VAL A 261 1.61 7.67 4.02
C VAL A 261 0.94 8.71 3.08
N PRO A 262 -0.23 8.39 2.52
CA PRO A 262 -0.86 9.28 1.56
C PRO A 262 -0.97 10.72 2.08
N ALA A 263 -0.71 11.69 1.20
CA ALA A 263 -0.74 13.12 1.56
C ALA A 263 -2.14 13.72 1.91
N SER A 264 -2.20 14.58 2.92
CA SER A 264 -3.42 15.26 3.29
C SER A 264 -3.05 16.73 3.36
N MET A 265 -4.04 17.62 3.47
CA MET A 265 -3.74 19.03 3.52
C MET A 265 -2.95 19.40 4.77
N PHE A 266 -2.94 18.52 5.75
CA PHE A 266 -2.24 18.81 7.00
C PHE A 266 -0.74 18.46 6.98
N ASP A 267 -0.28 17.82 5.90
CA ASP A 267 1.11 17.43 5.78
C ASP A 267 1.85 18.52 5.07
N ASP A 268 3.07 18.76 5.55
CA ASP A 268 3.94 19.81 5.02
C ASP A 268 4.97 19.32 3.97
N TRP A 269 5.36 18.06 4.10
CA TRP A 269 6.39 17.51 3.23
C TRP A 269 6.20 17.75 1.76
N TRP A 270 4.97 17.86 1.31
CA TRP A 270 4.77 18.01 -0.11
C TRP A 270 4.86 19.43 -0.62
N LYS A 271 4.81 20.39 0.28
CA LYS A 271 4.83 21.80 -0.13
C LYS A 271 6.21 22.35 -0.51
N SER B 1 -4.87 13.73 27.37
CA SER B 1 -5.94 12.73 27.30
C SER B 1 -5.77 11.82 26.07
N MET B 2 -6.13 10.56 26.23
CA MET B 2 -6.06 9.69 25.09
C MET B 2 -7.00 10.17 24.00
N GLN B 3 -8.18 10.63 24.38
CA GLN B 3 -9.14 11.14 23.41
C GLN B 3 -8.59 12.42 22.79
N GLU B 4 -7.91 13.22 23.60
CA GLU B 4 -7.37 14.50 23.13
C GLU B 4 -6.19 14.25 22.17
N LYS B 5 -5.40 13.23 22.50
CA LYS B 5 -4.28 12.87 21.65
C LYS B 5 -4.75 12.43 20.28
N ILE B 6 -5.68 11.46 20.26
CA ILE B 6 -6.27 10.94 19.03
C ILE B 6 -6.89 12.03 18.11
N MET B 7 -7.63 12.93 18.76
CA MET B 7 -8.31 14.05 18.08
C MET B 7 -7.27 14.86 17.33
N ARG B 8 -6.19 15.18 18.04
CA ARG B 8 -5.09 15.94 17.47
C ARG B 8 -4.33 15.16 16.38
N GLU B 9 -4.08 13.88 16.63
CA GLU B 9 -3.40 13.07 15.62
C GLU B 9 -4.22 12.95 14.36
N LEU B 10 -5.54 12.80 14.50
CA LEU B 10 -6.41 12.63 13.34
C LEU B 10 -6.87 13.92 12.70
N HIS B 11 -6.44 15.04 13.26
CA HIS B 11 -6.83 16.37 12.74
C HIS B 11 -8.33 16.72 12.74
N VAL B 12 -9.06 16.24 13.76
CA VAL B 12 -10.48 16.52 13.86
C VAL B 12 -10.73 17.86 14.54
N LYS B 13 -11.73 18.59 14.05
CA LYS B 13 -12.17 19.86 14.65
C LYS B 13 -13.54 19.60 15.32
N PRO B 14 -13.73 20.10 16.53
CA PRO B 14 -15.00 19.94 17.24
C PRO B 14 -16.18 20.54 16.44
N SER B 15 -15.93 21.64 15.76
CA SER B 15 -16.95 22.23 14.92
C SER B 15 -16.33 22.76 13.61
N ILE B 16 -17.09 22.71 12.53
CA ILE B 16 -16.62 23.15 11.23
C ILE B 16 -17.56 24.17 10.58
N ASP B 17 -17.04 24.90 9.61
CA ASP B 17 -17.87 25.81 8.84
C ASP B 17 -17.90 25.07 7.51
N PRO B 18 -19.03 24.44 7.15
CA PRO B 18 -19.12 23.64 5.93
C PRO B 18 -18.74 24.30 4.62
N LYS B 19 -19.14 25.54 4.41
CA LYS B 19 -18.75 26.25 3.21
C LYS B 19 -17.23 26.42 3.13
N GLN B 20 -16.61 26.85 4.22
CA GLN B 20 -15.17 27.01 4.25
C GLN B 20 -14.39 25.66 4.18
N GLU B 21 -14.90 24.59 4.78
CA GLU B 21 -14.28 23.28 4.66
C GLU B 21 -14.25 22.91 3.16
N ILE B 22 -15.37 23.06 2.47
CA ILE B 22 -15.42 22.71 1.08
C ILE B 22 -14.38 23.52 0.29
N GLU B 23 -14.27 24.82 0.54
CA GLU B 23 -13.31 25.63 -0.20
C GLU B 23 -11.84 25.23 0.00
N ASP B 24 -11.46 24.99 1.24
CA ASP B 24 -10.12 24.58 1.56
C ASP B 24 -9.80 23.19 1.00
N ARG B 25 -10.76 22.26 0.99
CA ARG B 25 -10.49 20.89 0.56
C ARG B 25 -10.36 20.84 -0.96
N VAL B 26 -11.09 21.71 -1.63
CA VAL B 26 -10.97 21.78 -3.08
C VAL B 26 -9.64 22.47 -3.45
N ASN B 27 -9.24 23.45 -2.66
CA ASN B 27 -7.98 24.16 -2.89
C ASN B 27 -6.78 23.20 -2.62
N PHE B 28 -6.94 22.24 -1.71
CA PHE B 28 -5.87 21.32 -1.44
C PHE B 28 -5.65 20.46 -2.69
N LEU B 29 -6.74 19.95 -3.23
CA LEU B 29 -6.68 19.18 -4.46
C LEU B 29 -6.05 19.95 -5.61
N LYS B 30 -6.48 21.19 -5.81
CA LYS B 30 -5.88 22.01 -6.84
C LYS B 30 -4.39 22.19 -6.62
N GLN B 31 -3.95 22.62 -5.43
CA GLN B 31 -2.53 22.87 -5.18
C GLN B 31 -1.71 21.61 -5.36
N TYR B 32 -2.19 20.45 -4.92
CA TYR B 32 -1.37 19.26 -5.02
C TYR B 32 -1.09 18.85 -6.45
N VAL B 33 -2.12 18.85 -7.26
CA VAL B 33 -2.01 18.44 -8.65
C VAL B 33 -1.05 19.37 -9.39
N LYS B 34 -1.15 20.67 -9.13
CA LYS B 34 -0.31 21.67 -9.80
C LYS B 34 1.16 21.49 -9.42
N LYS B 35 1.45 21.20 -8.15
CA LYS B 35 2.82 20.99 -7.63
C LYS B 35 3.45 19.77 -8.26
N THR B 36 2.65 18.73 -8.47
CA THR B 36 3.13 17.50 -9.09
C THR B 36 3.06 17.55 -10.62
N GLY B 37 2.22 18.39 -11.19
CA GLY B 37 2.11 18.37 -12.64
C GLY B 37 1.26 17.20 -13.18
N ALA B 38 0.42 16.59 -12.32
CA ALA B 38 -0.44 15.48 -12.73
C ALA B 38 -1.55 15.97 -13.68
N LYS B 39 -2.30 15.07 -14.31
CA LYS B 39 -3.28 15.49 -15.27
C LYS B 39 -4.71 15.41 -14.74
N GLY B 40 -4.89 15.09 -13.46
CA GLY B 40 -6.22 14.99 -12.92
C GLY B 40 -6.28 13.88 -11.94
N PHE B 41 -7.48 13.32 -11.77
CA PHE B 41 -7.72 12.35 -10.72
C PHE B 41 -8.56 11.22 -11.18
N VAL B 42 -8.45 10.10 -10.45
CA VAL B 42 -9.26 8.91 -10.68
C VAL B 42 -9.81 8.47 -9.31
N LEU B 43 -11.05 8.02 -9.25
CA LEU B 43 -11.69 7.57 -8.01
C LEU B 43 -12.78 6.57 -8.31
N GLY B 44 -12.82 5.49 -7.53
CA GLY B 44 -13.82 4.42 -7.63
C GLY B 44 -15.04 4.99 -6.90
N ILE B 45 -16.16 5.00 -7.60
CA ILE B 45 -17.41 5.52 -7.07
C ILE B 45 -18.32 4.34 -6.65
N SER B 46 -18.52 4.18 -5.33
CA SER B 46 -19.38 3.11 -4.77
C SER B 46 -20.92 3.38 -4.62
N GLY B 47 -21.33 4.65 -4.55
CA GLY B 47 -22.73 4.99 -4.31
C GLY B 47 -22.90 5.34 -2.81
N GLY B 48 -21.81 5.18 -2.05
CA GLY B 48 -21.73 5.47 -0.65
C GLY B 48 -21.43 6.94 -0.47
N GLN B 49 -21.58 7.38 0.78
CA GLN B 49 -21.37 8.78 1.19
C GLN B 49 -19.99 9.35 0.90
N ASP B 50 -18.94 8.67 1.39
CA ASP B 50 -17.55 9.14 1.28
C ASP B 50 -17.09 9.32 -0.20
N SER B 51 -17.30 8.31 -1.04
CA SER B 51 -16.87 8.47 -2.43
C SER B 51 -17.68 9.53 -3.15
N THR B 52 -18.95 9.69 -2.77
CA THR B 52 -19.80 10.71 -3.40
C THR B 52 -19.33 12.08 -3.04
N LEU B 53 -18.93 12.25 -1.79
CA LEU B 53 -18.41 13.52 -1.31
C LEU B 53 -17.05 13.80 -1.97
N ALA B 54 -16.13 12.84 -1.89
CA ALA B 54 -14.81 13.04 -2.47
C ALA B 54 -14.86 13.24 -3.98
N GLY B 55 -15.72 12.48 -4.64
CA GLY B 55 -15.91 12.59 -6.10
C GLY B 55 -16.42 14.00 -6.48
N ARG B 56 -17.39 14.56 -5.76
CA ARG B 56 -17.84 15.91 -6.15
C ARG B 56 -16.71 16.92 -5.89
N LEU B 57 -15.97 16.79 -4.79
CA LEU B 57 -14.89 17.73 -4.57
C LEU B 57 -13.84 17.73 -5.67
N ALA B 58 -13.49 16.52 -6.15
CA ALA B 58 -12.53 16.33 -7.27
C ALA B 58 -13.03 17.01 -8.51
N GLN B 59 -14.32 16.81 -8.83
CA GLN B 59 -14.92 17.44 -10.00
C GLN B 59 -14.93 18.95 -9.96
N LEU B 60 -15.20 19.48 -8.79
CA LEU B 60 -15.15 20.92 -8.61
C LEU B 60 -13.68 21.37 -8.77
N ALA B 61 -12.71 20.57 -8.30
CA ALA B 61 -11.30 21.00 -8.40
C ALA B 61 -10.75 21.05 -9.83
N VAL B 62 -11.11 20.07 -10.67
CA VAL B 62 -10.68 20.06 -12.08
C VAL B 62 -11.39 21.13 -12.89
N GLU B 63 -12.62 21.47 -12.52
CA GLU B 63 -13.35 22.54 -13.22
C GLU B 63 -12.68 23.89 -12.94
N SER B 64 -12.32 24.09 -11.69
CA SER B 64 -11.63 25.29 -11.29
C SER B 64 -10.28 25.48 -12.03
N ILE B 65 -9.53 24.41 -12.15
CA ILE B 65 -8.23 24.42 -12.80
C ILE B 65 -8.34 24.81 -14.26
N ARG B 66 -9.37 24.32 -14.91
CA ARG B 66 -9.59 24.64 -16.32
C ARG B 66 -10.06 26.06 -16.50
N GLU B 67 -10.82 26.54 -15.50
CA GLU B 67 -11.34 27.90 -15.49
C GLU B 67 -10.11 28.79 -15.51
N GLU B 68 -9.11 28.39 -14.72
CA GLU B 68 -7.84 29.14 -14.64
C GLU B 68 -6.93 28.90 -15.85
N GLY B 69 -7.50 28.27 -16.88
CA GLY B 69 -6.77 28.01 -18.10
C GLY B 69 -5.81 26.80 -18.06
N GLY B 70 -5.91 25.98 -17.01
CA GLY B 70 -5.08 24.79 -16.93
C GLY B 70 -5.80 23.62 -17.61
N ASP B 71 -5.20 22.42 -17.53
CA ASP B 71 -5.79 21.22 -18.11
C ASP B 71 -5.85 20.10 -17.04
N ALA B 72 -7.04 19.64 -16.71
CA ALA B 72 -7.17 18.60 -15.68
C ALA B 72 -8.46 17.88 -15.93
N GLN B 73 -8.55 16.63 -15.55
CA GLN B 73 -9.78 15.92 -15.81
C GLN B 73 -10.00 14.96 -14.66
N PHE B 74 -11.24 14.54 -14.46
CA PHE B 74 -11.59 13.65 -13.39
C PHE B 74 -12.26 12.43 -13.99
N ILE B 75 -11.72 11.26 -13.68
CA ILE B 75 -12.35 10.01 -14.11
C ILE B 75 -13.00 9.27 -12.94
N ALA B 76 -14.33 9.10 -12.99
CA ALA B 76 -15.06 8.38 -11.95
C ALA B 76 -15.18 6.94 -12.47
N VAL B 77 -14.95 5.94 -11.62
CA VAL B 77 -15.02 4.57 -12.12
C VAL B 77 -15.78 3.65 -11.20
N ARG B 78 -16.73 2.96 -11.76
CA ARG B 78 -17.53 2.00 -11.04
C ARG B 78 -16.70 0.69 -11.04
N LEU B 79 -16.68 -0.02 -9.92
CA LEU B 79 -15.87 -1.22 -9.78
C LEU B 79 -16.64 -2.35 -9.11
N PRO B 80 -17.74 -2.72 -9.73
CA PRO B 80 -18.55 -3.78 -9.19
C PRO B 80 -17.81 -5.10 -9.33
N HIS B 81 -18.22 -6.05 -8.50
CA HIS B 81 -17.71 -7.40 -8.61
C HIS B 81 -18.91 -8.15 -9.13
N GLY B 82 -19.06 -8.20 -10.44
CA GLY B 82 -20.28 -8.76 -11.03
C GLY B 82 -21.44 -7.73 -10.81
N THR B 83 -22.54 -8.20 -10.25
CA THR B 83 -23.72 -7.37 -9.97
C THR B 83 -23.77 -6.66 -8.61
N GLN B 84 -23.54 -5.34 -8.59
CA GLN B 84 -23.63 -4.61 -7.33
C GLN B 84 -25.10 -4.42 -6.94
N GLN B 85 -25.44 -4.82 -5.74
CA GLN B 85 -26.79 -4.74 -5.28
C GLN B 85 -27.34 -3.30 -5.22
N ASP B 86 -26.54 -2.32 -4.79
CA ASP B 86 -27.05 -0.95 -4.76
C ASP B 86 -26.55 -0.12 -5.89
N GLU B 87 -26.53 -0.69 -7.09
CA GLU B 87 -26.00 0.05 -8.25
C GLU B 87 -26.81 1.33 -8.47
N ASP B 88 -28.08 1.33 -8.16
CA ASP B 88 -29.00 2.46 -8.36
C ASP B 88 -28.44 3.71 -7.67
N ASP B 89 -27.86 3.53 -6.47
CA ASP B 89 -27.29 4.62 -5.69
C ASP B 89 -26.04 5.14 -6.35
N ALA B 90 -25.33 4.23 -7.03
CA ALA B 90 -24.10 4.58 -7.70
C ALA B 90 -24.47 5.44 -8.87
N GLN B 91 -25.49 5.00 -9.54
CA GLN B 91 -25.96 5.76 -10.66
C GLN B 91 -26.48 7.15 -10.22
N LEU B 92 -27.05 7.23 -9.03
CA LEU B 92 -27.55 8.52 -8.55
C LEU B 92 -26.39 9.43 -8.20
N ALA B 93 -25.36 8.82 -7.62
CA ALA B 93 -24.15 9.50 -7.26
C ALA B 93 -23.54 10.12 -8.46
N LEU B 94 -23.46 9.32 -9.52
CA LEU B 94 -22.90 9.83 -10.77
C LEU B 94 -23.67 11.06 -11.32
N LYS B 95 -24.99 11.02 -11.28
CA LYS B 95 -25.79 12.14 -11.79
C LYS B 95 -25.49 13.42 -11.01
N PHE B 96 -25.32 13.25 -9.71
CA PHE B 96 -25.00 14.34 -8.80
C PHE B 96 -23.54 14.84 -8.98
N ILE B 97 -22.61 13.92 -9.20
CA ILE B 97 -21.20 14.31 -9.32
C ILE B 97 -20.90 14.98 -10.66
N LYS B 98 -21.48 14.41 -11.73
CA LYS B 98 -21.28 14.87 -13.11
C LYS B 98 -19.79 14.82 -13.53
N PRO B 99 -19.12 13.67 -13.39
CA PRO B 99 -17.69 13.64 -13.68
C PRO B 99 -17.40 13.81 -15.15
N ASP B 100 -16.21 14.33 -15.46
CA ASP B 100 -15.79 14.48 -16.87
C ASP B 100 -15.92 13.15 -17.60
N LYS B 101 -15.47 12.05 -16.98
CA LYS B 101 -15.55 10.72 -17.59
C LYS B 101 -16.02 9.74 -16.56
N SER B 102 -16.83 8.78 -16.96
CA SER B 102 -17.37 7.71 -16.10
C SER B 102 -16.94 6.40 -16.73
N TRP B 103 -16.01 5.70 -16.09
CA TRP B 103 -15.63 4.42 -16.60
C TRP B 103 -16.20 3.32 -15.75
N LYS B 104 -15.92 2.11 -16.20
CA LYS B 104 -16.32 0.92 -15.50
C LYS B 104 -15.24 -0.16 -15.70
N PHE B 105 -15.03 -0.94 -14.63
CA PHE B 105 -14.10 -2.06 -14.55
C PHE B 105 -14.68 -3.09 -13.57
N ASP B 106 -15.29 -4.12 -14.13
CA ASP B 106 -15.85 -5.15 -13.30
C ASP B 106 -14.67 -6.02 -12.86
N ILE B 107 -14.49 -6.21 -11.55
CA ILE B 107 -13.37 -6.99 -10.99
C ILE B 107 -13.60 -8.50 -10.75
N LYS B 108 -14.75 -9.02 -11.18
CA LYS B 108 -15.08 -10.40 -10.96
C LYS B 108 -14.13 -11.41 -11.63
N SER B 109 -13.80 -11.21 -12.91
CA SER B 109 -12.91 -12.15 -13.58
C SER B 109 -11.47 -12.21 -13.01
N THR B 110 -10.95 -11.10 -12.55
CA THR B 110 -9.65 -11.14 -11.94
C THR B 110 -9.78 -11.86 -10.61
N VAL B 111 -10.73 -11.46 -9.81
CA VAL B 111 -10.81 -12.10 -8.51
C VAL B 111 -11.05 -13.59 -8.70
N SER B 112 -11.81 -13.94 -9.70
CA SER B 112 -12.11 -15.37 -9.86
C SER B 112 -10.86 -16.15 -10.17
N ALA B 113 -10.08 -15.59 -11.07
CA ALA B 113 -8.87 -16.24 -11.55
C ALA B 113 -7.93 -16.39 -10.39
N PHE B 114 -7.85 -15.35 -9.57
CA PHE B 114 -6.98 -15.41 -8.45
C PHE B 114 -7.42 -16.52 -7.50
N SER B 115 -8.72 -16.63 -7.30
CA SER B 115 -9.24 -17.62 -6.36
C SER B 115 -8.98 -19.01 -6.83
N ASP B 116 -9.31 -19.23 -8.08
CA ASP B 116 -9.07 -20.55 -8.62
C ASP B 116 -7.62 -21.05 -8.55
N GLN B 117 -6.68 -20.17 -8.91
CA GLN B 117 -5.25 -20.46 -8.78
C GLN B 117 -4.82 -20.73 -7.30
N TYR B 118 -5.35 -19.96 -6.34
CA TYR B 118 -5.04 -20.19 -4.94
C TYR B 118 -5.37 -21.62 -4.52
N GLN B 119 -6.57 -22.07 -4.85
CA GLN B 119 -7.00 -23.37 -4.39
C GLN B 119 -6.22 -24.47 -5.12
N GLN B 120 -5.90 -24.19 -6.37
CA GLN B 120 -5.14 -25.10 -7.16
C GLN B 120 -3.68 -25.24 -6.64
N GLU B 121 -3.06 -24.15 -6.19
CA GLU B 121 -1.69 -24.24 -5.70
C GLU B 121 -1.64 -24.76 -4.33
N THR B 122 -2.58 -24.39 -3.48
CA THR B 122 -2.53 -24.76 -2.07
C THR B 122 -3.46 -25.87 -1.66
N GLY B 123 -4.51 -26.06 -2.44
CA GLY B 123 -5.53 -27.03 -2.11
C GLY B 123 -6.54 -26.48 -1.08
N ASP B 124 -6.48 -25.18 -0.80
CA ASP B 124 -7.40 -24.55 0.14
C ASP B 124 -8.29 -23.60 -0.57
N GLN B 125 -9.51 -23.47 -0.10
CA GLN B 125 -10.37 -22.45 -0.69
C GLN B 125 -10.14 -21.20 0.13
N LEU B 126 -10.11 -20.03 -0.52
CA LEU B 126 -10.00 -18.76 0.20
C LEU B 126 -11.28 -18.57 1.07
N THR B 127 -11.16 -18.10 2.31
CA THR B 127 -12.35 -17.87 3.12
C THR B 127 -13.00 -16.58 2.58
N ASP B 128 -14.27 -16.40 2.93
CA ASP B 128 -15.01 -15.19 2.51
C ASP B 128 -14.32 -13.94 2.98
N PHE B 129 -13.85 -13.93 4.21
CA PHE B 129 -13.17 -12.74 4.66
C PHE B 129 -11.91 -12.43 3.82
N ASN B 130 -11.09 -13.46 3.55
CA ASN B 130 -9.84 -13.28 2.78
C ASN B 130 -10.13 -12.94 1.33
N LYS B 131 -11.22 -13.45 0.83
CA LYS B 131 -11.62 -13.11 -0.52
C LYS B 131 -12.12 -11.68 -0.64
N GLY B 132 -12.66 -11.15 0.46
CA GLY B 132 -13.16 -9.81 0.50
C GLY B 132 -11.99 -8.85 0.45
N ASN B 133 -10.91 -9.24 1.11
CA ASN B 133 -9.73 -8.39 1.08
C ASN B 133 -9.03 -8.45 -0.32
N VAL B 134 -9.22 -9.56 -1.05
CA VAL B 134 -8.67 -9.65 -2.41
C VAL B 134 -9.46 -8.70 -3.28
N LYS B 135 -10.77 -8.66 -3.06
CA LYS B 135 -11.57 -7.75 -3.88
C LYS B 135 -11.09 -6.29 -3.65
N ALA B 136 -10.87 -5.92 -2.40
CA ALA B 136 -10.47 -4.55 -2.12
C ALA B 136 -9.09 -4.20 -2.71
N ARG B 137 -8.16 -5.15 -2.72
CA ARG B 137 -6.85 -4.90 -3.33
C ARG B 137 -6.89 -4.85 -4.87
N THR B 138 -7.81 -5.60 -5.48
CA THR B 138 -7.98 -5.60 -6.91
C THR B 138 -8.50 -4.26 -7.42
N ARG B 139 -9.32 -3.61 -6.60
CA ARG B 139 -9.86 -2.29 -6.95
C ARG B 139 -8.71 -1.29 -6.87
N MET B 140 -7.76 -1.57 -5.99
CA MET B 140 -6.63 -0.68 -5.91
C MET B 140 -5.83 -0.74 -7.23
N ILE B 141 -5.54 -1.97 -7.65
CA ILE B 141 -4.77 -2.20 -8.86
C ILE B 141 -5.51 -1.55 -10.02
N ALA B 142 -6.82 -1.75 -10.09
CA ALA B 142 -7.58 -1.22 -11.20
C ALA B 142 -7.48 0.26 -11.30
N GLN B 143 -7.59 0.94 -10.15
CA GLN B 143 -7.46 2.39 -10.12
C GLN B 143 -6.04 2.86 -10.46
N TYR B 144 -5.03 2.15 -9.94
CA TYR B 144 -3.65 2.47 -10.26
C TYR B 144 -3.34 2.22 -11.75
N ALA B 145 -4.03 1.27 -12.37
CA ALA B 145 -3.83 1.03 -13.80
C ALA B 145 -4.37 2.16 -14.64
N ILE B 146 -5.55 2.64 -14.31
CA ILE B 146 -6.14 3.76 -15.06
C ILE B 146 -5.29 4.98 -14.82
N GLY B 147 -4.91 5.21 -13.56
CA GLY B 147 -4.07 6.33 -13.16
C GLY B 147 -2.71 6.29 -13.87
N GLY B 148 -2.17 5.09 -14.01
CA GLY B 148 -0.91 4.92 -14.72
C GLY B 148 -1.00 5.15 -16.25
N GLN B 149 -2.09 4.71 -16.87
CA GLN B 149 -2.25 4.90 -18.27
C GLN B 149 -2.63 6.31 -18.64
N GLU B 150 -3.35 6.99 -17.77
CA GLU B 150 -3.81 8.32 -18.07
C GLU B 150 -3.08 9.49 -17.48
N GLY B 151 -2.07 9.21 -16.63
CA GLY B 151 -1.32 10.29 -15.97
C GLY B 151 -2.04 10.99 -14.78
N LEU B 152 -2.84 10.22 -14.04
CA LEU B 152 -3.68 10.73 -12.95
C LEU B 152 -3.30 10.30 -11.55
N LEU B 153 -3.71 11.08 -10.53
CA LEU B 153 -3.50 10.72 -9.13
C LEU B 153 -4.71 9.94 -8.62
N VAL B 154 -4.48 8.91 -7.81
CA VAL B 154 -5.56 8.12 -7.20
C VAL B 154 -6.04 8.76 -5.86
N LEU B 155 -7.30 9.19 -5.80
CA LEU B 155 -7.80 9.76 -4.54
C LEU B 155 -8.19 8.66 -3.57
N GLY B 156 -8.10 8.93 -2.28
CA GLY B 156 -8.49 7.94 -1.30
C GLY B 156 -9.59 8.64 -0.48
N THR B 157 -10.52 7.84 0.07
CA THR B 157 -11.68 8.34 0.81
C THR B 157 -11.57 8.22 2.32
N ASP B 158 -10.40 7.96 2.82
CA ASP B 158 -10.25 7.90 4.26
C ASP B 158 -10.58 9.21 4.97
N HIS B 159 -11.20 9.07 6.13
CA HIS B 159 -11.60 10.19 6.96
C HIS B 159 -11.47 9.71 8.39
N ALA B 160 -11.61 10.63 9.33
CA ALA B 160 -11.36 10.35 10.71
C ALA B 160 -12.18 9.23 11.29
N ALA B 161 -13.40 9.10 10.85
CA ALA B 161 -14.19 8.06 11.43
C ALA B 161 -13.83 6.68 10.99
N GLU B 162 -13.16 6.54 9.82
CA GLU B 162 -12.65 5.22 9.37
C GLU B 162 -11.20 5.01 9.88
N ALA B 163 -10.49 6.11 10.00
CA ALA B 163 -9.13 6.08 10.48
C ALA B 163 -9.00 5.59 11.91
N VAL B 164 -9.85 6.11 12.80
CA VAL B 164 -9.74 5.75 14.23
C VAL B 164 -9.91 4.29 14.47
N THR B 165 -10.71 3.62 13.65
CA THR B 165 -10.94 2.20 13.84
C THR B 165 -10.11 1.28 12.97
N GLY B 166 -9.32 1.86 12.08
CA GLY B 166 -8.55 1.10 11.14
C GLY B 166 -9.50 0.32 10.24
N PHE B 167 -10.67 0.88 9.98
CA PHE B 167 -11.69 0.21 9.14
C PHE B 167 -11.51 0.38 7.63
N PHE B 168 -10.45 -0.20 7.08
CA PHE B 168 -10.17 -0.09 5.65
C PHE B 168 -9.16 -1.17 5.42
N THR B 169 -9.02 -1.59 4.17
CA THR B 169 -8.10 -2.68 3.85
C THR B 169 -6.70 -2.09 3.59
N LYS B 170 -5.70 -2.69 4.25
CA LYS B 170 -4.30 -2.32 4.11
C LYS B 170 -3.83 -2.55 2.66
N TYR B 171 -3.41 -1.49 1.99
CA TYR B 171 -3.02 -1.54 0.57
C TYR B 171 -4.21 -1.86 -0.35
N GLY B 172 -5.44 -1.73 0.16
CA GLY B 172 -6.67 -1.93 -0.66
C GLY B 172 -7.28 -0.51 -0.85
N ASP B 173 -8.39 -0.20 -0.17
CA ASP B 173 -8.92 1.18 -0.23
C ASP B 173 -8.00 2.10 0.54
N GLY B 174 -7.18 1.51 1.40
CA GLY B 174 -6.16 2.27 2.08
C GLY B 174 -5.02 2.74 1.13
N GLY B 175 -4.90 2.10 -0.05
CA GLY B 175 -3.86 2.43 -1.01
C GLY B 175 -4.28 3.57 -1.92
N ALA B 176 -3.73 4.75 -1.67
CA ALA B 176 -4.08 5.91 -2.45
C ALA B 176 -2.95 6.98 -2.44
N ASP B 177 -3.06 7.96 -3.33
CA ASP B 177 -2.07 9.01 -3.38
C ASP B 177 -2.33 10.22 -2.50
N LEU B 178 -3.60 10.66 -2.46
CA LEU B 178 -4.02 11.83 -1.66
C LEU B 178 -5.38 11.65 -0.98
N LEU B 179 -5.56 12.34 0.16
CA LEU B 179 -6.75 12.18 1.03
C LEU B 179 -7.49 13.49 1.32
N PRO B 180 -8.46 13.85 0.47
CA PRO B 180 -9.17 15.13 0.67
C PRO B 180 -10.12 15.18 1.89
N LEU B 181 -10.51 14.01 2.45
CA LEU B 181 -11.44 13.95 3.56
C LEU B 181 -10.82 13.77 4.92
N THR B 182 -9.51 13.89 5.02
CA THR B 182 -8.83 13.74 6.32
C THR B 182 -9.31 14.70 7.41
N GLY B 183 -9.52 14.18 8.63
CA GLY B 183 -9.95 15.01 9.75
C GLY B 183 -11.48 15.09 9.91
N LEU B 184 -12.26 14.78 8.87
CA LEU B 184 -13.74 14.85 9.00
C LEU B 184 -14.37 13.65 9.67
N THR B 185 -15.31 13.91 10.60
CA THR B 185 -16.08 12.81 11.24
C THR B 185 -17.20 12.43 10.27
N LYS B 186 -17.85 11.31 10.54
CA LYS B 186 -18.90 10.83 9.66
C LYS B 186 -20.04 11.87 9.47
N ARG B 187 -20.53 12.40 10.57
CA ARG B 187 -21.57 13.41 10.57
C ARG B 187 -21.07 14.73 9.90
N GLN B 188 -19.81 15.08 10.08
CA GLN B 188 -19.37 16.31 9.45
C GLN B 188 -19.37 16.16 7.96
N GLY B 189 -19.11 14.93 7.50
CA GLY B 189 -19.09 14.62 6.07
C GLY B 189 -20.49 14.71 5.45
N ARG B 190 -21.50 14.31 6.20
CA ARG B 190 -22.87 14.39 5.76
C ARG B 190 -23.28 15.88 5.61
N THR B 191 -22.75 16.71 6.48
CA THR B 191 -23.03 18.13 6.51
C THR B 191 -22.51 18.80 5.27
N LEU B 192 -21.32 18.36 4.87
CA LEU B 192 -20.71 18.85 3.65
C LEU B 192 -21.54 18.43 2.45
N LEU B 193 -22.00 17.19 2.45
CA LEU B 193 -22.81 16.69 1.36
C LEU B 193 -24.15 17.41 1.25
N LYS B 194 -24.71 17.76 2.40
CA LYS B 194 -25.95 18.53 2.48
C LYS B 194 -25.75 19.93 1.90
N GLU B 195 -24.67 20.63 2.30
CA GLU B 195 -24.35 21.94 1.74
C GLU B 195 -24.09 21.91 0.23
N LEU B 196 -23.68 20.76 -0.30
CA LEU B 196 -23.38 20.64 -1.74
C LEU B 196 -24.62 20.36 -2.57
N GLY B 197 -25.72 20.10 -1.89
CA GLY B 197 -26.99 19.88 -2.57
C GLY B 197 -27.25 18.43 -2.91
N ALA B 198 -26.60 17.52 -2.19
CA ALA B 198 -26.76 16.11 -2.47
C ALA B 198 -28.12 15.59 -2.05
N PRO B 199 -28.56 14.61 -2.81
CA PRO B 199 -29.80 13.88 -2.55
C PRO B 199 -29.72 13.26 -1.19
N GLU B 200 -30.81 13.33 -0.46
CA GLU B 200 -30.87 12.80 0.89
C GLU B 200 -30.57 11.32 0.94
N ARG B 201 -30.87 10.62 -0.15
CA ARG B 201 -30.69 9.18 -0.23
C ARG B 201 -29.21 8.78 -0.14
N LEU B 202 -28.35 9.69 -0.58
CA LEU B 202 -26.90 9.45 -0.53
C LEU B 202 -26.30 9.75 0.85
N TYR B 203 -26.85 10.70 1.61
CA TYR B 203 -26.30 10.87 2.95
C TYR B 203 -27.02 10.27 4.17
N LEU B 204 -28.13 9.59 3.95
CA LEU B 204 -28.81 8.93 5.04
C LEU B 204 -28.69 7.43 4.80
N LYS B 205 -27.85 7.12 3.81
CA LYS B 205 -27.55 5.76 3.38
C LYS B 205 -26.69 5.07 4.46
N GLU B 206 -27.00 3.82 4.81
CA GLU B 206 -26.23 3.08 5.83
C GLU B 206 -24.87 2.75 5.25
N PRO B 207 -23.78 3.12 5.99
CA PRO B 207 -22.40 2.83 5.56
C PRO B 207 -22.17 1.33 5.48
N THR B 208 -21.63 0.90 4.34
CA THR B 208 -21.24 -0.50 4.08
C THR B 208 -19.99 -0.66 3.17
N ALA B 209 -19.13 -1.64 3.50
CA ALA B 209 -17.94 -1.95 2.69
C ALA B 209 -18.34 -2.96 1.60
N ASP B 210 -19.39 -3.74 1.91
CA ASP B 210 -19.93 -4.71 0.99
C ASP B 210 -18.82 -5.51 0.31
N LEU B 211 -18.04 -6.22 1.11
CA LEU B 211 -16.96 -7.01 0.53
C LEU B 211 -17.28 -8.51 0.43
N LEU B 212 -18.11 -8.97 1.35
CA LEU B 212 -18.47 -10.38 1.44
C LEU B 212 -19.52 -10.91 0.47
N ASP B 213 -19.34 -12.17 0.11
CA ASP B 213 -20.26 -12.84 -0.78
C ASP B 213 -21.38 -13.49 0.09
N GLU B 214 -21.00 -14.04 1.24
CA GLU B 214 -21.93 -14.69 2.16
C GLU B 214 -22.86 -13.75 2.92
N LYS B 215 -22.43 -12.47 3.05
CA LYS B 215 -23.23 -11.48 3.79
C LYS B 215 -23.18 -10.13 3.07
N PRO B 216 -23.80 -9.98 1.88
CA PRO B 216 -23.77 -8.70 1.15
C PRO B 216 -24.22 -7.48 1.94
N GLN B 217 -23.67 -6.34 1.53
CA GLN B 217 -24.00 -5.04 2.09
C GLN B 217 -24.14 -4.96 3.60
N GLN B 218 -23.34 -5.76 4.30
CA GLN B 218 -23.32 -5.72 5.75
C GLN B 218 -22.90 -4.32 6.22
N SER B 219 -23.61 -3.83 7.24
CA SER B 219 -23.38 -2.53 7.88
C SER B 219 -22.07 -2.42 8.69
N ASP B 220 -21.37 -1.31 8.52
CA ASP B 220 -20.10 -1.10 9.23
C ASP B 220 -20.28 -1.34 10.73
N GLU B 221 -21.25 -0.62 11.32
CA GLU B 221 -21.58 -0.65 12.74
C GLU B 221 -21.81 -2.08 13.25
N THR B 222 -22.28 -2.96 12.38
CA THR B 222 -22.51 -4.35 12.76
C THR B 222 -21.16 -5.00 12.98
N GLU B 223 -20.34 -4.88 11.95
CA GLU B 223 -18.96 -5.41 12.04
C GLU B 223 -18.24 -4.76 13.22
N LEU B 224 -18.47 -3.46 13.44
CA LEU B 224 -17.82 -2.76 14.55
C LEU B 224 -18.40 -2.99 15.97
N GLY B 225 -19.72 -2.84 16.10
CA GLY B 225 -20.38 -2.99 17.40
C GLY B 225 -20.37 -1.68 18.21
N ILE B 226 -20.40 -0.56 17.50
CA ILE B 226 -20.43 0.77 18.10
C ILE B 226 -21.02 1.53 16.97
N SER B 227 -21.77 2.56 17.32
CA SER B 227 -22.45 3.35 16.34
C SER B 227 -21.55 4.46 15.84
N TYR B 228 -21.74 4.84 14.60
CA TYR B 228 -20.92 5.91 14.10
C TYR B 228 -21.18 7.17 14.85
N ASP B 229 -22.34 7.30 15.49
CA ASP B 229 -22.55 8.57 16.19
C ASP B 229 -21.77 8.67 17.46
N GLU B 230 -21.55 7.51 18.07
CA GLU B 230 -20.75 7.38 19.28
C GLU B 230 -19.35 7.66 18.88
N ILE B 231 -18.97 7.15 17.69
CA ILE B 231 -17.63 7.38 17.17
C ILE B 231 -17.37 8.85 16.96
N ASP B 232 -18.31 9.53 16.31
CA ASP B 232 -18.23 10.99 16.06
C ASP B 232 -18.17 11.83 17.33
N ASP B 233 -18.94 11.43 18.35
CA ASP B 233 -18.95 12.16 19.64
C ASP B 233 -17.54 12.07 20.28
N TYR B 234 -16.97 10.87 20.28
CA TYR B 234 -15.62 10.63 20.82
C TYR B 234 -14.55 11.50 20.13
N LEU B 235 -14.56 11.51 18.81
CA LEU B 235 -13.60 12.26 18.01
C LEU B 235 -13.79 13.73 18.13
N GLU B 236 -15.05 14.16 18.26
CA GLU B 236 -15.31 15.58 18.36
C GLU B 236 -15.10 16.07 19.78
N GLY B 237 -14.67 15.13 20.63
CA GLY B 237 -14.30 15.44 21.99
C GLY B 237 -15.49 15.50 22.95
N LYS B 238 -16.64 14.98 22.52
CA LYS B 238 -17.77 15.00 23.39
C LYS B 238 -17.59 13.86 24.37
N GLU B 239 -18.17 14.00 25.54
CA GLU B 239 -18.02 12.95 26.54
C GLU B 239 -18.88 11.76 26.17
N VAL B 240 -18.32 10.57 26.37
CA VAL B 240 -19.04 9.36 25.97
C VAL B 240 -18.82 8.33 27.08
N SER B 241 -19.51 7.20 26.98
CA SER B 241 -19.32 6.18 28.00
C SER B 241 -17.94 5.59 27.97
N ALA B 242 -17.40 5.33 29.16
CA ALA B 242 -16.10 4.70 29.29
C ALA B 242 -16.08 3.39 28.47
N LYS B 243 -17.22 2.69 28.37
CA LYS B 243 -17.22 1.46 27.60
C LYS B 243 -16.98 1.84 26.15
N VAL B 244 -17.43 3.02 25.75
CA VAL B 244 -17.18 3.44 24.41
C VAL B 244 -15.67 3.79 24.21
N SER B 245 -15.15 4.72 25.01
CA SER B 245 -13.77 5.20 24.87
C SER B 245 -12.69 4.13 24.89
N GLU B 246 -12.87 3.14 25.73
CA GLU B 246 -11.91 2.08 25.87
C GLU B 246 -11.89 1.11 24.70
N ALA B 247 -13.04 0.87 24.12
CA ALA B 247 -13.07 -0.03 22.99
C ALA B 247 -12.47 0.74 21.81
N LEU B 248 -12.74 2.03 21.72
CA LEU B 248 -12.21 2.79 20.61
C LEU B 248 -10.73 2.91 20.79
N GLU B 249 -10.33 3.19 22.01
CA GLU B 249 -8.93 3.38 22.23
C GLU B 249 -8.09 2.15 21.93
N LYS B 250 -8.61 1.00 22.34
CA LYS B 250 -7.94 -0.27 22.08
C LYS B 250 -7.79 -0.65 20.57
N ARG B 251 -8.85 -0.45 19.80
CA ARG B 251 -8.85 -0.72 18.37
C ARG B 251 -7.85 0.21 17.65
N TYR B 252 -7.73 1.46 18.10
CA TYR B 252 -6.81 2.45 17.53
C TYR B 252 -5.33 1.98 17.67
N SER B 253 -4.95 1.56 18.85
CA SER B 253 -3.58 1.11 19.04
C SER B 253 -3.37 -0.14 18.17
N MET B 254 -4.30 -1.07 18.27
CA MET B 254 -4.17 -2.29 17.50
C MET B 254 -4.06 -2.06 16.00
N THR B 255 -4.50 -0.91 15.51
CA THR B 255 -4.48 -0.69 14.08
C THR B 255 -3.42 0.33 13.69
N GLU B 256 -2.50 0.64 14.59
CA GLU B 256 -1.53 1.67 14.28
C GLU B 256 -0.70 1.35 13.00
N HIS B 257 -0.50 0.07 12.75
CA HIS B 257 0.29 -0.35 11.62
C HIS B 257 -0.35 0.09 10.33
N LYS B 258 -1.66 0.35 10.33
CA LYS B 258 -2.32 0.80 9.10
C LYS B 258 -2.07 2.26 8.82
N ARG B 259 -1.75 2.99 9.87
CA ARG B 259 -1.57 4.42 9.74
C ARG B 259 -0.11 4.83 9.60
N GLN B 260 0.80 3.86 9.53
CA GLN B 260 2.24 4.16 9.46
C GLN B 260 2.84 3.46 8.22
N VAL B 261 4.05 3.88 7.78
CA VAL B 261 4.76 3.16 6.69
C VAL B 261 5.29 1.85 7.35
N PRO B 262 5.58 0.82 6.56
CA PRO B 262 5.97 -0.45 7.16
C PRO B 262 7.03 -0.32 8.23
N ALA B 263 6.87 -1.10 9.29
CA ALA B 263 7.79 -1.07 10.41
C ALA B 263 9.22 -1.56 10.16
N SER B 264 10.14 -0.87 10.83
CA SER B 264 11.54 -1.23 10.86
C SER B 264 11.99 -1.18 12.30
N MET B 265 13.21 -1.62 12.56
CA MET B 265 13.76 -1.60 13.88
C MET B 265 14.11 -0.20 14.43
N PHE B 266 14.15 0.80 13.55
CA PHE B 266 14.43 2.16 13.95
C PHE B 266 13.16 2.93 14.34
N ASP B 267 12.03 2.26 14.19
CA ASP B 267 10.74 2.83 14.58
C ASP B 267 10.38 2.42 15.98
N ASP B 268 9.81 3.34 16.73
CA ASP B 268 9.40 3.09 18.11
C ASP B 268 7.87 2.94 18.35
N TRP B 269 7.04 3.41 17.42
CA TRP B 269 5.57 3.41 17.61
C TRP B 269 5.00 2.08 17.99
N TRP B 270 5.60 1.01 17.50
CA TRP B 270 5.10 -0.33 17.75
C TRP B 270 5.56 -0.96 19.06
N LYS B 271 6.60 -0.41 19.64
CA LYS B 271 7.14 -0.94 20.89
C LYS B 271 6.26 -0.54 22.08
MG MG C . 15.31 -6.02 -4.57
PG ATP D . 8.88 5.30 -11.19
O1G ATP D . 10.27 5.20 -10.63
O2G ATP D . 8.83 5.71 -12.64
O3G ATP D . 7.84 5.94 -10.27
PB ATP D . 6.87 3.31 -11.16
O1B ATP D . 6.18 4.26 -12.10
O2B ATP D . 6.93 1.81 -11.28
O3B ATP D . 8.43 3.75 -11.15
PA ATP D . 4.92 3.35 -8.92
O1A ATP D . 3.74 2.90 -9.75
O2A ATP D . 5.35 2.41 -7.87
O3A ATP D . 6.31 3.73 -9.69
O5' ATP D . 4.57 4.77 -8.52
C5' ATP D . 3.98 5.73 -9.43
C4' ATP D . 2.57 6.21 -9.07
O4' ATP D . 2.68 7.15 -7.98
C3' ATP D . 1.79 7.00 -10.13
O3' ATP D . 0.96 6.15 -10.84
C2' ATP D . 0.87 7.94 -9.35
O2' ATP D . -0.41 7.39 -9.03
C1' ATP D . 1.69 8.18 -8.10
N9 ATP D . 2.36 9.47 -7.96
C8 ATP D . 3.30 10.00 -8.80
N7 ATP D . 3.79 11.15 -8.36
C5 ATP D . 3.13 11.37 -7.14
C6 ATP D . 3.23 12.35 -6.16
N6 ATP D . 4.08 13.40 -6.27
N1 ATP D . 2.40 12.29 -5.10
C2 ATP D . 1.61 11.22 -4.97
N3 ATP D . 1.49 10.20 -5.79
C4 ATP D . 2.25 10.33 -6.88
P AMP E . 13.01 -6.58 -6.96
O1P AMP E . 13.83 -5.84 -5.98
O2P AMP E . 12.22 -5.56 -7.72
O3P AMP E . 13.79 -7.66 -7.94
O5' AMP E . 12.10 -7.49 -6.20
C5' AMP E . 11.30 -7.04 -5.08
C4' AMP E . 10.80 -8.14 -4.19
O4' AMP E . 9.67 -8.74 -4.88
C3' AMP E . 11.78 -9.31 -4.07
O3' AMP E . 12.74 -9.04 -3.06
C2' AMP E . 10.85 -10.47 -3.79
O2' AMP E . 10.53 -10.54 -2.43
C1' AMP E . 9.62 -10.15 -4.66
N9 AMP E . 9.66 -10.80 -5.97
C8 AMP E . 9.96 -10.16 -7.16
N7 AMP E . 9.98 -10.99 -8.17
C5 AMP E . 9.59 -12.23 -7.64
C6 AMP E . 9.44 -13.53 -8.18
N6 AMP E . 9.61 -13.85 -9.49
N1 AMP E . 9.12 -14.53 -7.36
C2 AMP E . 9.01 -14.27 -6.06
N3 AMP E . 9.14 -13.11 -5.44
C4 AMP E . 9.48 -12.13 -6.27
P1 POP F . 17.47 -7.64 -6.41
O1 POP F . 16.87 -6.35 -5.96
O2 POP F . 18.96 -7.59 -6.30
O3 POP F . 16.89 -8.05 -7.72
O POP F . 17.05 -8.82 -5.35
P2 POP F . 15.53 -9.34 -5.03
O4 POP F . 15.61 -10.57 -4.22
O5 POP F . 14.92 -8.15 -4.34
O6 POP F . 14.82 -9.65 -6.47
MG MG G . -16.11 4.77 3.28
PG ATP H . -9.06 -6.20 10.61
O1G ATP H . -9.31 -4.78 10.97
O2G ATP H . -9.92 -7.20 11.33
O3G ATP H . -7.59 -6.56 10.57
PB ATP H . -8.69 -6.61 7.76
O1B ATP H . -8.11 -7.96 8.01
O2B ATP H . -9.51 -6.26 6.53
O3B ATP H . -9.59 -6.27 9.07
PA ATP H . -6.27 -5.69 6.72
O1A ATP H . -6.55 -6.88 5.93
O2A ATP H . -6.17 -4.41 5.97
O3A ATP H . -7.47 -5.54 7.79
O5' ATP H . -5.08 -5.91 7.60
C5' ATP H . -4.67 -7.10 8.27
C4' ATP H . -3.28 -7.55 7.85
O4' ATP H . -2.32 -6.61 8.43
C3' ATP H . -2.82 -8.90 8.39
O3' ATP H . -3.24 -10.01 7.60
C2' ATP H . -1.29 -8.74 8.52
O2' ATP H . -0.60 -8.94 7.30
C1' ATP H . -1.13 -7.26 8.88
N9 ATP H . -0.84 -6.94 10.30
C8 ATP H . -1.62 -7.30 11.36
N7 ATP H . -1.21 -6.88 12.54
C5 ATP H . -0.04 -6.22 12.23
C6 ATP H . 0.87 -5.55 13.03
N6 ATP H . 0.68 -5.37 14.34
N1 ATP H . 1.93 -4.99 12.43
C2 ATP H . 2.06 -5.09 11.12
N3 ATP H . 1.29 -5.73 10.25
C4 ATP H . 0.21 -6.25 10.87
P AMP I . -15.86 1.56 1.99
O1P AMP I . -15.56 2.72 2.88
O2P AMP I . -15.27 0.28 2.53
O3P AMP I . -17.47 1.35 1.83
O5' AMP I . -15.32 1.88 0.62
C5' AMP I . -14.03 2.48 0.43
C4' AMP I . -13.79 3.00 -0.99
O4' AMP I . -13.74 1.90 -1.90
C3' AMP I . -14.97 3.79 -1.51
O3' AMP I . -14.96 5.07 -0.89
C2' AMP I . -14.74 3.72 -3.04
O2' AMP I . -13.80 4.66 -3.54
C1' AMP I . -14.18 2.33 -3.19
N9 AMP I . -15.14 1.36 -3.60
C8 AMP I . -15.61 0.40 -2.78
N7 AMP I . -16.49 -0.38 -3.34
C5 AMP I . -16.58 0.11 -4.64
C6 AMP I . -17.40 -0.24 -5.73
N6 AMP I . -18.25 -1.27 -5.75
N1 AMP I . -17.25 0.46 -6.85
C2 AMP I . -16.36 1.45 -6.87
N3 AMP I . -15.50 1.86 -5.93
C4 AMP I . -15.73 1.17 -4.80
P1 POP J . -19.41 4.37 3.17
O1 POP J . -18.10 4.24 3.88
O2 POP J . -20.37 5.26 3.87
O3 POP J . -19.95 3.07 2.69
O POP J . -19.12 5.19 1.78
P2 POP J . -18.06 4.90 0.60
O4 POP J . -18.22 5.91 -0.47
O5 POP J . -16.74 4.88 1.36
O6 POP J . -18.45 3.41 0.09
#